data_5ULB
#
_entry.id   5ULB
#
_cell.length_a   45.993
_cell.length_b   55.856
_cell.length_c   119.573
_cell.angle_alpha   90.00
_cell.angle_beta   90.00
_cell.angle_gamma   90.00
#
_symmetry.space_group_name_H-M   'P 21 21 21'
#
loop_
_entity.id
_entity.type
_entity.pdbx_description
1 polymer 'Putative sugar ABC transporter'
2 non-polymer 5-Se-methyl-5-seleno-alpha-D-ribofuranose
3 non-polymer 5-Se-methyl-5-seleno-beta-D-ribofuranose
4 water water
#
_entity_poly.entity_id   1
_entity_poly.type   'polypeptide(L)'
_entity_poly.pdbx_seq_one_letter_code
;ADTATVAPIPDAIAKHQGQIKIAVIRNLGSDDNTTQFLSGVLKEGKKLGFKVDTFLSNGDDARFQDFVNQAISQKYDGII
LSQGRDPYSTELVKRIVANGIAVSVFDTAIQGDIPGLTVTQQDDASLTNESFGQLVKDFNGKANIIKLWVAGFPP(MSE)
ERRQAAYQALLKQNPGITELESIGAVSSDVQGDTANKVGAVLAKYPKGKIDAIWGTWDAFTQGAYKALQENGRTEIKLYS
IDISNQDLQL(MSE)REANSPWKVSVAVDPKLIGAVNLRLVAKKIAGEETPASYEFRAASIPQALLVSQPGPVNVSGLSK
IIPGWGQSDDFNSPWFATLAAKNGQ
;
_entity_poly.pdbx_strand_id   A
#
# COMPACT_ATOMS: atom_id res chain seq x y z
N ALA A 4 9.54 34.87 0.21
CA ALA A 4 9.16 36.24 0.66
C ALA A 4 7.68 36.51 0.31
N THR A 5 7.20 36.16 -0.90
CA THR A 5 5.82 36.44 -1.30
C THR A 5 5.07 35.11 -1.46
N VAL A 6 3.78 35.19 -1.41
CA VAL A 6 2.87 34.01 -1.42
C VAL A 6 2.45 33.56 -2.81
N ALA A 7 2.54 32.27 -3.07
CA ALA A 7 2.13 31.75 -4.33
C ALA A 7 0.62 31.80 -4.45
N PRO A 8 0.06 32.38 -5.47
CA PRO A 8 -1.38 32.50 -5.57
C PRO A 8 -2.05 31.17 -5.77
N ILE A 9 -3.21 31.00 -5.14
CA ILE A 9 -4.06 29.83 -5.37
C ILE A 9 -4.52 29.80 -6.83
N PRO A 10 -4.35 28.66 -7.55
CA PRO A 10 -4.86 28.59 -8.96
C PRO A 10 -6.33 28.91 -9.06
N ASP A 11 -6.69 29.58 -10.12
CA ASP A 11 -8.02 30.03 -10.32
C ASP A 11 -9.09 28.96 -10.18
N ALA A 12 -8.89 27.77 -10.75
CA ALA A 12 -9.95 26.79 -10.74
C ALA A 12 -10.26 26.39 -9.30
N ILE A 13 -9.29 26.48 -8.37
CA ILE A 13 -9.57 26.21 -6.94
C ILE A 13 -10.17 27.45 -6.29
N ALA A 14 -9.61 28.63 -6.57
CA ALA A 14 -10.07 29.86 -5.98
C ALA A 14 -11.55 30.18 -6.30
N LYS A 15 -12.00 29.86 -7.50
CA LYS A 15 -13.35 30.24 -8.00
C LYS A 15 -14.39 29.14 -7.71
N HIS A 16 -13.97 28.01 -7.19
CA HIS A 16 -14.89 26.91 -6.97
C HIS A 16 -16.02 27.23 -6.02
N GLN A 17 -17.27 26.79 -6.33
CA GLN A 17 -18.46 26.97 -5.39
C GLN A 17 -18.36 25.96 -4.26
N GLY A 18 -17.98 26.37 -3.06
CA GLY A 18 -17.90 25.49 -1.93
C GLY A 18 -16.59 24.69 -1.95
N GLN A 19 -16.43 23.77 -1.00
CA GLN A 19 -15.23 22.99 -0.89
C GLN A 19 -15.08 22.12 -2.13
N ILE A 20 -13.80 21.97 -2.55
CA ILE A 20 -13.44 20.89 -3.46
C ILE A 20 -13.72 19.56 -2.76
N LYS A 21 -14.35 18.61 -3.47
CA LYS A 21 -14.72 17.34 -2.87
C LYS A 21 -14.02 16.20 -3.61
N ILE A 22 -13.39 15.31 -2.85
CA ILE A 22 -12.65 14.18 -3.36
C ILE A 22 -13.25 12.87 -2.80
N ALA A 23 -13.45 11.91 -3.65
CA ALA A 23 -13.88 10.55 -3.21
C ALA A 23 -12.67 9.62 -3.34
N VAL A 24 -12.41 8.84 -2.32
CA VAL A 24 -11.39 7.80 -2.37
C VAL A 24 -12.06 6.44 -2.22
N ILE A 25 -11.87 5.53 -3.15
CA ILE A 25 -12.48 4.20 -3.13
C ILE A 25 -11.31 3.24 -3.18
N ARG A 26 -11.22 2.37 -2.16
CA ARG A 26 -10.13 1.41 -2.03
C ARG A 26 -10.76 0.02 -1.95
N ASN A 27 -10.22 -0.94 -2.73
CA ASN A 27 -10.77 -2.27 -2.86
C ASN A 27 -10.27 -3.28 -1.84
N LEU A 28 -10.21 -2.85 -0.56
CA LEU A 28 -9.76 -3.66 0.53
C LEU A 28 -10.62 -3.39 1.74
N GLY A 29 -10.37 -4.09 2.83
CA GLY A 29 -10.93 -3.80 4.13
C GLY A 29 -10.03 -2.94 4.97
N SER A 30 -10.20 -2.98 6.29
CA SER A 30 -9.50 -2.12 7.22
C SER A 30 -8.22 -2.69 7.77
N ASP A 31 -7.41 -3.27 6.93
CA ASP A 31 -6.07 -3.69 7.32
C ASP A 31 -5.21 -2.46 7.65
N ASP A 32 -4.06 -2.66 8.28
CA ASP A 32 -3.22 -1.56 8.70
C ASP A 32 -2.68 -0.73 7.50
N ASN A 33 -2.36 -1.41 6.40
CA ASN A 33 -1.86 -0.65 5.25
C ASN A 33 -2.92 0.31 4.75
N THR A 34 -4.15 -0.21 4.60
CA THR A 34 -5.25 0.57 4.20
C THR A 34 -5.54 1.73 5.16
N THR A 35 -5.56 1.42 6.45
CA THR A 35 -5.81 2.40 7.44
C THR A 35 -4.82 3.62 7.32
N GLN A 36 -3.55 3.30 7.14
CA GLN A 36 -2.56 4.33 6.92
C GLN A 36 -2.70 5.13 5.60
N PHE A 37 -3.03 4.42 4.50
CA PHE A 37 -3.28 5.08 3.21
C PHE A 37 -4.44 6.10 3.32
N LEU A 38 -5.53 5.65 3.95
CA LEU A 38 -6.68 6.56 4.11
C LEU A 38 -6.34 7.73 4.96
N SER A 39 -5.57 7.51 6.04
CA SER A 39 -5.16 8.59 6.94
CA SER A 39 -5.17 8.60 6.92
CA SER A 39 -5.18 8.60 6.92
C SER A 39 -4.36 9.65 6.14
N GLY A 40 -3.50 9.19 5.23
CA GLY A 40 -2.67 10.15 4.42
C GLY A 40 -3.48 10.95 3.44
N VAL A 41 -4.47 10.37 2.79
CA VAL A 41 -5.34 11.13 1.91
CA VAL A 41 -5.32 11.12 1.89
C VAL A 41 -6.12 12.16 2.66
N LEU A 42 -6.66 11.71 3.82
CA LEU A 42 -7.48 12.62 4.62
C LEU A 42 -6.68 13.81 5.12
N LYS A 43 -5.46 13.54 5.64
CA LYS A 43 -4.61 14.61 6.21
C LYS A 43 -4.21 15.58 5.14
N GLU A 44 -3.83 15.08 3.96
CA GLU A 44 -3.40 15.97 2.91
C GLU A 44 -4.58 16.78 2.39
N GLY A 45 -5.75 16.14 2.23
CA GLY A 45 -6.87 16.92 1.86
C GLY A 45 -7.30 17.99 2.82
N LYS A 46 -7.26 17.67 4.12
CA LYS A 46 -7.55 18.65 5.13
C LYS A 46 -6.60 19.84 5.06
N LYS A 47 -5.30 19.56 4.80
CA LYS A 47 -4.31 20.63 4.67
C LYS A 47 -4.71 21.62 3.58
N LEU A 48 -5.25 21.04 2.49
CA LEU A 48 -5.57 21.84 1.28
C LEU A 48 -6.97 22.40 1.31
N GLY A 49 -7.73 22.10 2.35
CA GLY A 49 -9.15 22.55 2.49
C GLY A 49 -10.15 21.75 1.75
N PHE A 50 -9.79 20.57 1.30
CA PHE A 50 -10.69 19.69 0.54
C PHE A 50 -11.53 18.83 1.45
N LYS A 51 -12.75 18.53 1.03
CA LYS A 51 -13.56 17.49 1.72
C LYS A 51 -13.13 16.17 1.09
N VAL A 52 -12.80 15.18 1.90
CA VAL A 52 -12.34 13.87 1.43
C VAL A 52 -13.34 12.84 2.02
N ASP A 53 -14.01 12.12 1.13
CA ASP A 53 -14.94 11.07 1.49
C ASP A 53 -14.32 9.74 1.10
N THR A 54 -14.18 8.83 2.00
CA THR A 54 -13.52 7.55 1.84
C THR A 54 -14.49 6.36 1.90
N PHE A 55 -14.20 5.35 1.08
CA PHE A 55 -15.10 4.20 0.87
C PHE A 55 -14.19 2.96 0.73
N LEU A 56 -14.50 1.91 1.47
CA LEU A 56 -13.80 0.60 1.40
C LEU A 56 -14.75 -0.48 0.96
N SER A 57 -14.34 -1.28 -0.04
CA SER A 57 -15.17 -2.34 -0.54
C SER A 57 -15.11 -3.64 0.23
N ASN A 58 -14.13 -3.77 1.16
CA ASN A 58 -13.92 -5.08 1.75
CA ASN A 58 -13.77 -5.07 1.83
C ASN A 58 -13.29 -6.12 0.81
N GLY A 59 -12.79 -5.68 -0.34
CA GLY A 59 -12.35 -6.65 -1.36
C GLY A 59 -13.42 -7.17 -2.27
N ASP A 60 -14.66 -6.64 -2.17
CA ASP A 60 -15.77 -7.08 -2.99
C ASP A 60 -15.81 -6.17 -4.17
N ASP A 61 -15.48 -6.74 -5.35
CA ASP A 61 -15.37 -5.92 -6.52
C ASP A 61 -16.68 -5.27 -6.95
N ALA A 62 -17.81 -5.94 -6.69
CA ALA A 62 -19.11 -5.35 -6.98
C ALA A 62 -19.38 -4.12 -6.18
N ARG A 63 -19.04 -4.19 -4.91
CA ARG A 63 -19.24 -3.04 -3.99
C ARG A 63 -18.26 -1.93 -4.40
N PHE A 64 -17.03 -2.25 -4.82
CA PHE A 64 -16.06 -1.29 -5.33
C PHE A 64 -16.66 -0.51 -6.49
N GLN A 65 -17.15 -1.23 -7.52
CA GLN A 65 -17.78 -0.63 -8.61
C GLN A 65 -18.97 0.25 -8.31
N ASP A 66 -19.81 -0.26 -7.40
CA ASP A 66 -20.97 0.60 -7.01
C ASP A 66 -20.49 1.94 -6.35
N PHE A 67 -19.47 1.86 -5.48
CA PHE A 67 -18.94 3.06 -4.88
C PHE A 67 -18.39 4.03 -5.90
N VAL A 68 -17.68 3.52 -6.88
CA VAL A 68 -17.11 4.42 -7.89
C VAL A 68 -18.17 5.06 -8.77
N ASN A 69 -19.13 4.23 -9.18
CA ASN A 69 -20.19 4.70 -9.96
C ASN A 69 -21.06 5.79 -9.22
N GLN A 70 -21.26 5.58 -7.95
CA GLN A 70 -21.97 6.56 -7.17
C GLN A 70 -21.18 7.86 -7.04
N ALA A 71 -19.83 7.73 -6.86
CA ALA A 71 -19.01 8.99 -6.79
C ALA A 71 -19.09 9.75 -8.13
N ILE A 72 -19.04 9.06 -9.25
CA ILE A 72 -19.19 9.73 -10.57
C ILE A 72 -20.55 10.46 -10.62
N SER A 73 -21.63 9.75 -10.24
CA SER A 73 -22.95 10.33 -10.27
CA SER A 73 -22.94 10.37 -10.28
C SER A 73 -23.13 11.54 -9.38
N GLN A 74 -22.36 11.57 -8.27
CA GLN A 74 -22.37 12.65 -7.31
CA GLN A 74 -22.45 12.68 -7.35
C GLN A 74 -21.55 13.84 -7.75
N LYS A 75 -20.80 13.67 -8.84
CA LYS A 75 -20.04 14.81 -9.41
C LYS A 75 -18.97 15.35 -8.45
N TYR A 76 -18.29 14.42 -7.79
CA TYR A 76 -17.06 14.78 -7.08
C TYR A 76 -16.12 15.53 -8.01
N ASP A 77 -15.27 16.41 -7.43
CA ASP A 77 -14.28 17.10 -8.23
C ASP A 77 -13.09 16.20 -8.57
N GLY A 78 -12.79 15.25 -7.73
CA GLY A 78 -11.75 14.30 -8.01
C GLY A 78 -12.01 12.99 -7.39
N ILE A 79 -11.41 11.93 -7.91
CA ILE A 79 -11.53 10.57 -7.44
C ILE A 79 -10.15 9.95 -7.35
N ILE A 80 -9.90 9.24 -6.29
CA ILE A 80 -8.72 8.37 -6.14
C ILE A 80 -9.19 6.97 -6.02
N LEU A 81 -8.64 6.01 -6.85
CA LEU A 81 -8.89 4.61 -6.70
C LEU A 81 -7.67 3.91 -6.17
N SER A 82 -7.90 2.81 -5.42
CA SER A 82 -6.81 2.00 -4.93
C SER A 82 -7.20 0.53 -5.02
N GLN A 83 -6.33 -0.30 -5.62
CA GLN A 83 -6.55 -1.71 -5.78
C GLN A 83 -7.73 -2.07 -6.65
N GLY A 84 -8.06 -1.20 -7.62
CA GLY A 84 -9.06 -1.57 -8.66
C GLY A 84 -8.53 -2.67 -9.54
N ARG A 85 -9.37 -3.67 -9.81
CA ARG A 85 -8.93 -4.85 -10.53
C ARG A 85 -9.42 -4.86 -11.98
N ASP A 86 -8.82 -5.75 -12.72
CA ASP A 86 -9.42 -6.17 -13.98
C ASP A 86 -10.66 -7.02 -13.68
N PRO A 87 -11.63 -7.00 -14.56
CA PRO A 87 -11.63 -6.41 -15.93
C PRO A 87 -12.17 -5.02 -15.98
N TYR A 88 -12.71 -4.54 -14.87
CA TYR A 88 -13.58 -3.34 -14.94
C TYR A 88 -12.88 -1.95 -14.81
N SER A 89 -11.67 -1.94 -14.25
CA SER A 89 -11.12 -0.67 -13.86
C SER A 89 -10.83 0.29 -15.00
N THR A 90 -10.39 -0.27 -16.13
CA THR A 90 -10.11 0.64 -17.25
C THR A 90 -11.34 1.41 -17.70
N GLU A 91 -12.48 0.74 -17.95
CA GLU A 91 -13.66 1.41 -18.46
C GLU A 91 -14.17 2.34 -17.36
N LEU A 92 -14.03 1.96 -16.09
CA LEU A 92 -14.49 2.77 -15.00
CA LEU A 92 -14.50 2.82 -14.98
C LEU A 92 -13.76 4.16 -14.99
N VAL A 93 -12.42 4.08 -15.15
CA VAL A 93 -11.59 5.28 -15.21
C VAL A 93 -11.85 6.10 -16.42
N LYS A 94 -12.05 5.43 -17.55
CA LYS A 94 -12.43 6.18 -18.73
C LYS A 94 -13.77 7.00 -18.52
N ARG A 95 -14.71 6.41 -17.76
CA ARG A 95 -15.97 7.09 -17.51
CA ARG A 95 -15.96 7.12 -17.51
C ARG A 95 -15.72 8.32 -16.53
N ILE A 96 -14.80 8.15 -15.60
CA ILE A 96 -14.48 9.23 -14.68
C ILE A 96 -13.95 10.37 -15.52
N VAL A 97 -12.97 10.10 -16.36
CA VAL A 97 -12.36 11.14 -17.23
C VAL A 97 -13.41 11.81 -18.13
N ALA A 98 -14.31 10.96 -18.72
CA ALA A 98 -15.34 11.50 -19.63
C ALA A 98 -16.29 12.44 -18.95
N ASN A 99 -16.43 12.29 -17.64
CA ASN A 99 -17.27 13.15 -16.79
C ASN A 99 -16.52 14.30 -16.20
N GLY A 100 -15.31 14.58 -16.64
CA GLY A 100 -14.60 15.76 -16.22
C GLY A 100 -14.12 15.75 -14.80
N ILE A 101 -13.91 14.56 -14.26
CA ILE A 101 -13.50 14.40 -12.85
C ILE A 101 -11.97 14.09 -12.85
N ALA A 102 -11.24 14.83 -12.09
CA ALA A 102 -9.78 14.58 -11.96
C ALA A 102 -9.56 13.23 -11.28
N VAL A 103 -8.49 12.46 -11.73
CA VAL A 103 -8.35 11.13 -11.20
C VAL A 103 -6.88 10.72 -11.12
N SER A 104 -6.53 10.09 -10.00
CA SER A 104 -5.28 9.40 -9.86
C SER A 104 -5.63 8.00 -9.29
N VAL A 105 -4.84 6.96 -9.64
CA VAL A 105 -5.07 5.68 -9.18
C VAL A 105 -3.78 5.09 -8.61
N PHE A 106 -3.97 4.16 -7.65
CA PHE A 106 -2.88 3.46 -6.98
C PHE A 106 -3.12 1.97 -7.06
N ASP A 107 -2.15 1.17 -7.49
CA ASP A 107 -2.26 -0.28 -7.55
C ASP A 107 -3.52 -0.74 -8.26
N THR A 108 -3.81 -0.07 -9.35
CA THR A 108 -5.04 -0.33 -10.10
C THR A 108 -4.71 -0.80 -11.50
N ALA A 109 -5.48 -1.77 -11.99
CA ALA A 109 -5.24 -2.33 -13.30
C ALA A 109 -5.80 -1.48 -14.37
N ILE A 110 -4.92 -0.91 -15.19
CA ILE A 110 -5.26 -0.01 -16.26
C ILE A 110 -4.60 -0.47 -17.58
N GLN A 111 -5.40 -0.70 -18.61
CA GLN A 111 -4.88 -1.05 -19.91
C GLN A 111 -4.79 0.18 -20.80
N GLY A 112 -3.63 0.44 -21.34
CA GLY A 112 -3.49 1.55 -22.22
C GLY A 112 -3.23 2.86 -21.56
N ASP A 113 -3.34 3.90 -22.34
CA ASP A 113 -2.96 5.24 -21.88
C ASP A 113 -4.30 5.96 -21.89
N ILE A 114 -4.71 6.39 -20.73
CA ILE A 114 -5.85 7.20 -20.55
C ILE A 114 -5.39 8.67 -20.36
N PRO A 115 -5.74 9.55 -21.28
CA PRO A 115 -5.22 10.92 -21.11
C PRO A 115 -5.84 11.58 -19.84
N GLY A 116 -4.99 12.24 -19.04
CA GLY A 116 -5.42 12.81 -17.80
C GLY A 116 -5.28 12.02 -16.57
N LEU A 117 -5.03 10.71 -16.73
CA LEU A 117 -4.84 9.81 -15.58
C LEU A 117 -3.36 9.82 -15.18
N THR A 118 -3.13 9.81 -13.86
CA THR A 118 -1.87 9.30 -13.38
C THR A 118 -2.07 7.94 -12.75
N VAL A 119 -1.20 6.95 -13.10
CA VAL A 119 -1.18 5.68 -12.46
CA VAL A 119 -1.17 5.66 -12.51
C VAL A 119 0.00 5.62 -11.52
N THR A 120 -0.22 5.23 -10.27
CA THR A 120 0.80 5.15 -9.31
C THR A 120 0.94 3.76 -8.75
N GLN A 121 2.17 3.39 -8.32
CA GLN A 121 2.45 2.09 -7.80
CA GLN A 121 2.47 2.07 -7.82
C GLN A 121 3.74 2.13 -7.04
N GLN A 122 3.99 1.13 -6.22
CA GLN A 122 5.31 0.93 -5.65
C GLN A 122 6.15 0.18 -6.64
N ASP A 123 7.46 0.09 -6.37
CA ASP A 123 8.38 -0.74 -7.20
C ASP A 123 8.29 -2.12 -6.69
N ASP A 124 7.26 -2.85 -7.14
CA ASP A 124 6.98 -4.18 -6.62
C ASP A 124 8.13 -5.16 -6.86
N ALA A 125 8.82 -5.04 -7.98
CA ALA A 125 10.01 -5.92 -8.20
C ALA A 125 11.07 -5.66 -7.14
N SER A 126 11.34 -4.40 -6.85
CA SER A 126 12.33 -4.07 -5.78
C SER A 126 11.82 -4.51 -4.36
N LEU A 127 10.55 -4.29 -4.08
CA LEU A 127 9.99 -4.77 -2.79
C LEU A 127 10.29 -6.25 -2.64
N THR A 128 10.09 -7.05 -3.70
CA THR A 128 10.36 -8.46 -3.70
C THR A 128 11.85 -8.76 -3.59
N ASN A 129 12.62 -8.12 -4.47
CA ASN A 129 14.06 -8.39 -4.47
C ASN A 129 14.67 -8.14 -3.14
N GLU A 130 14.24 -7.06 -2.44
CA GLU A 130 14.84 -6.76 -1.16
C GLU A 130 14.38 -7.66 -0.01
N SER A 131 13.10 -8.10 -0.06
CA SER A 131 12.51 -8.89 1.04
C SER A 131 12.79 -10.36 0.85
N PHE A 132 12.31 -10.90 -0.26
CA PHE A 132 12.61 -12.25 -0.62
C PHE A 132 14.10 -12.48 -0.88
N GLY A 133 14.75 -11.49 -1.47
CA GLY A 133 16.18 -11.62 -1.64
C GLY A 133 16.93 -11.72 -0.37
N GLN A 134 16.48 -11.05 0.72
CA GLN A 134 17.12 -11.21 2.05
C GLN A 134 16.95 -12.59 2.53
N LEU A 135 15.81 -13.20 2.29
CA LEU A 135 15.58 -14.59 2.66
C LEU A 135 16.63 -15.50 1.97
N VAL A 136 16.79 -15.26 0.67
CA VAL A 136 17.74 -16.06 -0.12
C VAL A 136 19.11 -15.91 0.47
N LYS A 137 19.55 -14.67 0.74
CA LYS A 137 20.90 -14.39 1.27
C LYS A 137 21.02 -15.12 2.63
N ASP A 138 20.05 -14.97 3.51
CA ASP A 138 20.14 -15.50 4.89
C ASP A 138 20.22 -17.02 4.90
N PHE A 139 19.60 -17.69 3.91
CA PHE A 139 19.57 -19.14 3.83
C PHE A 139 20.55 -19.71 2.77
N ASN A 140 21.35 -18.84 2.19
CA ASN A 140 22.28 -19.33 1.11
C ASN A 140 21.64 -20.15 0.04
N GLY A 141 20.51 -19.70 -0.39
CA GLY A 141 19.84 -20.28 -1.51
C GLY A 141 19.20 -21.62 -1.25
N LYS A 142 19.08 -22.01 0.03
CA LYS A 142 18.50 -23.34 0.35
C LYS A 142 17.50 -23.15 1.51
N ALA A 143 16.22 -23.29 1.18
CA ALA A 143 15.18 -23.10 2.22
C ALA A 143 13.90 -23.69 1.72
N ASN A 144 13.18 -24.28 2.67
CA ASN A 144 11.73 -24.65 2.46
C ASN A 144 10.89 -23.50 2.97
N ILE A 145 10.03 -22.94 2.13
CA ILE A 145 9.29 -21.69 2.48
C ILE A 145 7.81 -21.89 2.33
N ILE A 146 7.10 -20.97 3.03
CA ILE A 146 5.69 -20.72 2.73
C ILE A 146 5.63 -19.28 2.16
N LYS A 147 4.78 -19.10 1.16
CA LYS A 147 4.49 -17.78 0.61
C LYS A 147 3.07 -17.39 1.09
N LEU A 148 3.00 -16.13 1.52
CA LEU A 148 1.66 -15.52 1.86
C LEU A 148 1.37 -14.51 0.76
N TRP A 149 0.28 -14.76 0.00
CA TRP A 149 0.08 -14.09 -1.25
C TRP A 149 -1.42 -14.32 -1.69
N VAL A 150 -1.95 -13.40 -2.40
CA VAL A 150 -3.33 -13.53 -3.02
C VAL A 150 -3.28 -13.11 -4.47
N ALA A 151 -3.95 -13.89 -5.32
CA ALA A 151 -3.96 -13.57 -6.75
C ALA A 151 -4.83 -12.39 -7.07
N GLY A 152 -4.54 -11.78 -8.22
CA GLY A 152 -5.48 -10.93 -8.89
C GLY A 152 -5.39 -9.46 -8.69
N PHE A 153 -4.60 -8.99 -7.78
CA PHE A 153 -4.35 -7.60 -7.55
C PHE A 153 -3.08 -7.19 -8.26
N PRO A 154 -3.01 -6.00 -8.84
CA PRO A 154 -1.80 -5.58 -9.57
C PRO A 154 -0.46 -5.74 -8.79
N PRO A 155 -0.39 -5.30 -7.55
CA PRO A 155 0.87 -5.48 -6.84
C PRO A 155 1.20 -6.94 -6.65
N GLU A 157 0.42 -9.50 -8.57
CA GLU A 157 0.89 -10.04 -9.86
CA GLU A 157 0.91 -10.16 -9.77
C GLU A 157 2.37 -9.71 -10.07
N ARG A 158 2.70 -8.44 -9.83
CA ARG A 158 4.09 -8.03 -10.04
C ARG A 158 5.04 -8.65 -9.05
N ARG A 159 4.64 -8.77 -7.79
CA ARG A 159 5.49 -9.46 -6.77
C ARG A 159 5.67 -10.91 -7.13
N GLN A 160 4.63 -11.59 -7.59
CA GLN A 160 4.74 -13.00 -7.95
C GLN A 160 5.72 -13.15 -9.15
N ALA A 161 5.69 -12.27 -10.12
CA ALA A 161 6.61 -12.39 -11.29
C ALA A 161 8.07 -12.24 -10.80
N ALA A 162 8.29 -11.24 -9.94
CA ALA A 162 9.64 -11.05 -9.44
C ALA A 162 10.12 -12.23 -8.60
N TYR A 163 9.24 -12.77 -7.77
CA TYR A 163 9.47 -13.96 -6.99
C TYR A 163 9.81 -15.14 -7.87
N GLN A 164 9.04 -15.39 -8.93
CA GLN A 164 9.33 -16.53 -9.80
C GLN A 164 10.73 -16.38 -10.43
N ALA A 165 11.13 -15.14 -10.79
CA ALA A 165 12.50 -14.99 -11.25
C ALA A 165 13.56 -15.38 -10.25
N LEU A 166 13.34 -15.05 -8.97
CA LEU A 166 14.29 -15.46 -7.94
C LEU A 166 14.26 -16.93 -7.67
N LEU A 167 13.09 -17.61 -7.79
CA LEU A 167 13.06 -19.06 -7.65
C LEU A 167 13.84 -19.71 -8.78
N LYS A 168 13.77 -19.16 -9.98
CA LYS A 168 14.50 -19.73 -11.13
C LYS A 168 16.02 -19.58 -10.87
N GLN A 169 16.43 -18.47 -10.26
CA GLN A 169 17.85 -18.22 -10.00
C GLN A 169 18.37 -19.16 -8.92
N ASN A 170 17.52 -19.59 -7.95
CA ASN A 170 17.90 -20.27 -6.77
C ASN A 170 17.11 -21.53 -6.59
N PRO A 171 17.51 -22.57 -7.29
CA PRO A 171 16.62 -23.83 -7.30
C PRO A 171 16.58 -24.55 -6.00
N GLY A 172 17.41 -24.21 -5.05
CA GLY A 172 17.32 -24.78 -3.73
C GLY A 172 16.30 -24.11 -2.83
N ILE A 173 15.53 -23.17 -3.33
CA ILE A 173 14.38 -22.62 -2.61
C ILE A 173 13.16 -23.40 -3.04
N THR A 174 12.47 -24.04 -2.08
CA THR A 174 11.32 -24.87 -2.35
C THR A 174 10.11 -24.17 -1.73
N GLU A 175 9.08 -23.85 -2.55
CA GLU A 175 7.84 -23.35 -2.05
C GLU A 175 6.97 -24.54 -1.66
N LEU A 176 6.75 -24.68 -0.38
CA LEU A 176 5.89 -25.79 0.12
C LEU A 176 4.44 -25.51 -0.23
N GLU A 177 3.97 -24.28 0.00
CA GLU A 177 2.60 -23.86 -0.15
C GLU A 177 2.56 -22.35 -0.25
N SER A 178 1.46 -21.88 -0.85
CA SER A 178 1.07 -20.50 -0.81
C SER A 178 -0.33 -20.35 -0.19
N ILE A 179 -0.46 -19.37 0.67
CA ILE A 179 -1.65 -19.10 1.46
CA ILE A 179 -1.65 -19.14 1.44
C ILE A 179 -2.00 -17.69 1.35
N GLY A 180 -3.32 -17.34 1.30
CA GLY A 180 -3.72 -15.98 1.49
C GLY A 180 -5.08 -15.67 0.86
N ALA A 181 -5.85 -14.82 1.56
CA ALA A 181 -7.11 -14.31 1.00
C ALA A 181 -7.38 -12.96 1.59
N VAL A 182 -8.17 -12.17 0.88
CA VAL A 182 -8.71 -10.96 1.45
C VAL A 182 -10.06 -11.27 2.13
N SER A 183 -10.22 -10.84 3.35
CA SER A 183 -11.42 -11.03 4.15
C SER A 183 -11.49 -9.88 5.16
N SER A 184 -12.55 -9.90 6.01
CA SER A 184 -12.66 -8.91 7.09
C SER A 184 -11.72 -9.18 8.25
N ASP A 185 -11.07 -10.30 8.29
CA ASP A 185 -10.11 -10.58 9.36
C ASP A 185 -8.88 -11.30 8.75
N VAL A 186 -8.03 -10.54 8.06
CA VAL A 186 -6.91 -11.18 7.37
C VAL A 186 -5.96 -11.73 8.38
N GLN A 187 -5.71 -11.01 9.47
CA GLN A 187 -4.80 -11.54 10.48
C GLN A 187 -5.20 -12.90 11.04
N GLY A 188 -6.50 -12.98 11.49
CA GLY A 188 -6.94 -14.21 12.05
C GLY A 188 -7.06 -15.34 11.14
N ASP A 189 -7.54 -15.02 9.95
CA ASP A 189 -7.67 -16.06 8.93
C ASP A 189 -6.30 -16.61 8.57
N THR A 190 -5.32 -15.68 8.40
CA THR A 190 -3.96 -16.13 8.06
C THR A 190 -3.41 -16.96 9.17
N ALA A 191 -3.59 -16.48 10.42
CA ALA A 191 -3.05 -17.23 11.53
C ALA A 191 -3.60 -18.66 11.60
N ASN A 192 -4.89 -18.78 11.33
CA ASN A 192 -5.48 -20.15 11.32
C ASN A 192 -4.95 -21.04 10.22
N LYS A 193 -4.81 -20.44 9.04
CA LYS A 193 -4.31 -21.15 7.88
CA LYS A 193 -4.30 -21.16 7.90
C LYS A 193 -2.83 -21.55 8.08
N VAL A 194 -2.01 -20.63 8.62
CA VAL A 194 -0.63 -20.96 8.89
C VAL A 194 -0.54 -22.02 9.96
N GLY A 195 -1.43 -21.96 10.99
CA GLY A 195 -1.38 -23.03 12.00
C GLY A 195 -1.54 -24.41 11.40
N ALA A 196 -2.43 -24.57 10.40
CA ALA A 196 -2.61 -25.87 9.81
C ALA A 196 -1.39 -26.27 8.95
N VAL A 197 -0.75 -25.31 8.27
CA VAL A 197 0.46 -25.61 7.47
C VAL A 197 1.59 -26.03 8.44
N LEU A 198 1.70 -25.37 9.60
CA LEU A 198 2.70 -25.74 10.60
C LEU A 198 2.50 -27.18 11.10
N ALA A 199 1.24 -27.61 11.13
CA ALA A 199 0.96 -29.00 11.55
C ALA A 199 1.32 -30.02 10.53
N LYS A 200 1.24 -29.65 9.25
CA LYS A 200 1.64 -30.54 8.16
C LYS A 200 3.17 -30.66 8.01
N TYR A 201 3.89 -29.61 8.45
CA TYR A 201 5.36 -29.57 8.28
C TYR A 201 5.97 -29.20 9.62
N PRO A 202 6.17 -30.23 10.42
CA PRO A 202 6.70 -30.00 11.83
C PRO A 202 8.08 -29.36 11.85
N LYS A 203 8.47 -28.96 13.05
CA LYS A 203 9.71 -28.25 13.31
C LYS A 203 10.87 -28.93 12.58
N GLY A 204 11.53 -28.11 11.74
CA GLY A 204 12.66 -28.58 10.85
C GLY A 204 12.28 -28.61 9.41
N LYS A 205 10.97 -28.68 9.10
CA LYS A 205 10.52 -28.83 7.75
C LYS A 205 10.19 -27.52 7.04
N ILE A 206 10.18 -26.41 7.77
CA ILE A 206 9.97 -25.07 7.20
C ILE A 206 11.13 -24.21 7.74
N ASP A 207 11.75 -23.47 6.81
CA ASP A 207 12.80 -22.53 7.21
C ASP A 207 12.36 -21.09 7.32
N ALA A 208 11.45 -20.63 6.41
CA ALA A 208 11.14 -19.25 6.37
C ALA A 208 9.76 -19.07 5.74
N ILE A 209 9.21 -17.85 5.97
CA ILE A 209 7.96 -17.41 5.37
C ILE A 209 8.15 -16.06 4.71
N TRP A 210 7.69 -15.94 3.47
CA TRP A 210 7.70 -14.64 2.78
C TRP A 210 6.29 -14.10 2.72
N GLY A 211 6.09 -12.95 3.43
CA GLY A 211 4.78 -12.36 3.42
C GLY A 211 4.74 -11.13 2.49
N THR A 212 3.81 -11.22 1.49
CA THR A 212 3.75 -10.18 0.46
C THR A 212 2.90 -8.99 0.82
N TRP A 213 2.29 -9.04 2.02
CA TRP A 213 1.49 -7.97 2.57
C TRP A 213 1.55 -8.10 4.08
N ASP A 214 1.77 -7.05 4.80
CA ASP A 214 1.99 -7.20 6.24
C ASP A 214 0.73 -7.65 6.99
N ALA A 215 -0.48 -7.52 6.37
CA ALA A 215 -1.65 -8.15 7.00
C ALA A 215 -1.49 -9.62 7.09
N PHE A 216 -0.93 -10.25 6.07
CA PHE A 216 -0.61 -11.66 6.13
C PHE A 216 0.49 -11.94 7.14
N THR A 217 1.57 -11.19 7.11
CA THR A 217 2.69 -11.46 7.96
C THR A 217 2.29 -11.32 9.44
N GLN A 218 1.39 -10.37 9.76
CA GLN A 218 0.93 -10.28 11.13
C GLN A 218 0.27 -11.57 11.58
N GLY A 219 -0.57 -12.12 10.71
CA GLY A 219 -1.20 -13.37 11.10
C GLY A 219 -0.25 -14.51 11.22
N ALA A 220 0.73 -14.61 10.26
CA ALA A 220 1.76 -15.65 10.40
C ALA A 220 2.53 -15.50 11.66
N TYR A 221 2.88 -14.30 12.03
CA TYR A 221 3.61 -14.02 13.26
C TYR A 221 2.89 -14.60 14.50
N LYS A 222 1.56 -14.27 14.53
CA LYS A 222 0.75 -14.85 15.66
C LYS A 222 0.78 -16.33 15.64
N ALA A 223 0.64 -16.95 14.49
CA ALA A 223 0.68 -18.39 14.45
C ALA A 223 2.05 -18.92 14.91
N LEU A 224 3.12 -18.28 14.50
CA LEU A 224 4.46 -18.78 14.95
C LEU A 224 4.60 -18.70 16.45
N GLN A 225 4.19 -17.58 17.04
CA GLN A 225 4.28 -17.44 18.50
C GLN A 225 3.43 -18.47 19.19
N GLU A 226 2.15 -18.56 18.80
CA GLU A 226 1.19 -19.39 19.56
C GLU A 226 1.48 -20.87 19.41
N ASN A 227 2.04 -21.29 18.25
CA ASN A 227 2.38 -22.66 18.00
C ASN A 227 3.82 -23.04 18.39
N GLY A 228 4.58 -22.10 18.94
CA GLY A 228 5.99 -22.42 19.34
C GLY A 228 6.88 -22.72 18.17
N ARG A 229 6.71 -21.99 17.08
CA ARG A 229 7.45 -22.19 15.82
C ARG A 229 8.29 -20.99 15.42
N THR A 230 8.82 -20.27 16.39
CA THR A 230 9.58 -19.07 16.11
C THR A 230 11.01 -19.33 15.59
N GLU A 231 11.37 -20.59 15.38
CA GLU A 231 12.59 -20.87 14.61
C GLU A 231 12.43 -20.49 13.14
N ILE A 232 11.19 -20.41 12.66
CA ILE A 232 10.91 -19.97 11.27
C ILE A 232 11.05 -18.53 11.21
N LYS A 233 11.80 -18.01 10.19
CA LYS A 233 12.03 -16.60 10.02
C LYS A 233 11.07 -15.95 9.03
N LEU A 234 10.66 -14.73 9.35
CA LEU A 234 9.68 -14.01 8.56
C LEU A 234 10.31 -12.80 7.80
N TYR A 235 9.95 -12.68 6.53
CA TYR A 235 10.43 -11.60 5.66
C TYR A 235 9.20 -11.00 5.03
N SER A 236 9.01 -9.67 5.20
CA SER A 236 7.78 -9.02 4.76
C SER A 236 7.99 -7.83 3.87
N ILE A 237 6.91 -7.54 3.17
CA ILE A 237 6.62 -6.26 2.53
C ILE A 237 5.64 -5.49 3.43
N ASP A 238 5.75 -4.21 3.41
CA ASP A 238 4.93 -3.24 4.15
C ASP A 238 5.36 -2.97 5.58
N ILE A 239 4.90 -1.87 6.16
CA ILE A 239 5.16 -1.59 7.54
C ILE A 239 3.97 -0.90 8.15
N SER A 240 3.82 -1.04 9.47
CA SER A 240 2.77 -0.45 10.25
C SER A 240 3.27 -0.38 11.68
N ASN A 241 2.52 0.31 12.57
CA ASN A 241 2.93 0.39 13.95
C ASN A 241 2.99 -0.97 14.55
N GLN A 242 2.03 -1.83 14.30
CA GLN A 242 2.03 -3.19 14.82
CA GLN A 242 2.06 -3.16 14.88
C GLN A 242 3.29 -3.95 14.45
N ASP A 243 3.67 -3.85 13.19
CA ASP A 243 4.85 -4.65 12.75
C ASP A 243 6.08 -4.23 13.51
N LEU A 244 6.25 -2.91 13.71
CA LEU A 244 7.41 -2.42 14.48
C LEU A 244 7.41 -3.00 15.88
N GLN A 245 6.27 -3.03 16.55
CA GLN A 245 6.17 -3.69 17.88
C GLN A 245 6.51 -5.20 17.79
N LEU A 246 5.98 -5.84 16.77
CA LEU A 246 6.26 -7.30 16.65
C LEU A 246 7.74 -7.56 16.41
N ARG A 248 10.10 -6.08 17.72
CA ARG A 248 10.74 -5.83 19.09
C ARG A 248 10.34 -6.86 20.18
N GLU A 249 9.40 -7.78 19.91
CA GLU A 249 8.94 -8.70 20.94
C GLU A 249 10.01 -9.77 21.14
N ALA A 250 9.96 -10.36 22.35
CA ALA A 250 10.78 -11.46 22.67
C ALA A 250 10.59 -12.59 21.68
N ASN A 251 11.67 -13.16 21.27
CA ASN A 251 11.66 -14.33 20.37
C ASN A 251 11.16 -14.03 18.96
N SER A 252 10.96 -12.74 18.68
CA SER A 252 10.46 -12.38 17.44
C SER A 252 11.25 -12.83 16.18
N PRO A 253 10.56 -13.57 15.31
CA PRO A 253 11.12 -14.05 14.04
C PRO A 253 10.99 -13.05 12.89
N TRP A 254 10.52 -11.83 13.14
CA TRP A 254 10.22 -10.88 12.05
C TRP A 254 11.50 -10.11 11.67
N LYS A 255 12.20 -10.58 10.65
CA LYS A 255 13.54 -10.14 10.33
C LYS A 255 13.64 -8.85 9.51
N VAL A 256 12.68 -8.62 8.63
CA VAL A 256 12.78 -7.45 7.74
C VAL A 256 11.39 -7.11 7.27
N SER A 257 11.20 -5.80 7.04
CA SER A 257 10.05 -5.28 6.32
C SER A 257 10.65 -4.35 5.25
N VAL A 258 10.18 -4.47 4.02
CA VAL A 258 10.57 -3.59 2.93
C VAL A 258 9.30 -2.80 2.56
N ALA A 259 9.39 -1.47 2.65
CA ALA A 259 8.09 -0.73 2.67
C ALA A 259 8.20 0.70 2.22
N VAL A 260 7.05 1.19 1.79
CA VAL A 260 6.77 2.60 1.56
C VAL A 260 5.79 3.03 2.63
N ASP A 261 5.90 4.22 3.13
CA ASP A 261 4.92 4.73 4.14
C ASP A 261 3.56 4.91 3.39
N PRO A 262 2.50 4.16 3.77
CA PRO A 262 1.24 4.35 3.07
C PRO A 262 0.65 5.65 3.24
N LYS A 263 0.94 6.38 4.31
CA LYS A 263 0.42 7.73 4.45
C LYS A 263 0.96 8.59 3.31
N LEU A 264 2.23 8.43 2.94
CA LEU A 264 2.80 9.19 1.80
C LEU A 264 2.14 8.80 0.53
N ILE A 265 1.85 7.52 0.31
CA ILE A 265 1.14 7.15 -0.90
C ILE A 265 -0.19 7.87 -1.03
N GLY A 266 -0.96 7.87 0.08
CA GLY A 266 -2.21 8.59 0.08
C GLY A 266 -2.04 10.04 -0.18
N ALA A 267 -1.11 10.67 0.52
CA ALA A 267 -0.89 12.10 0.32
C ALA A 267 -0.52 12.42 -1.14
N VAL A 268 0.42 11.65 -1.71
CA VAL A 268 0.83 11.97 -3.06
C VAL A 268 -0.32 11.83 -4.02
N ASN A 269 -1.11 10.78 -3.90
CA ASN A 269 -2.30 10.72 -4.78
C ASN A 269 -3.20 11.93 -4.64
N LEU A 270 -3.38 12.43 -3.45
CA LEU A 270 -4.15 13.68 -3.27
C LEU A 270 -3.46 14.82 -3.97
N ARG A 271 -2.14 14.98 -3.76
CA ARG A 271 -1.40 16.07 -4.41
C ARG A 271 -1.62 16.04 -5.93
N LEU A 272 -1.56 14.84 -6.53
CA LEU A 272 -1.78 14.67 -7.96
C LEU A 272 -3.17 15.15 -8.42
N VAL A 273 -4.19 14.73 -7.64
CA VAL A 273 -5.54 15.23 -7.97
C VAL A 273 -5.68 16.70 -7.80
N ALA A 274 -5.07 17.29 -6.74
CA ALA A 274 -5.07 18.70 -6.60
C ALA A 274 -4.48 19.46 -7.80
N LYS A 275 -3.33 18.98 -8.26
CA LYS A 275 -2.70 19.59 -9.44
C LYS A 275 -3.61 19.44 -10.66
N LYS A 276 -4.20 18.27 -10.86
CA LYS A 276 -5.09 18.10 -12.01
C LYS A 276 -6.25 19.09 -11.94
N ILE A 277 -6.87 19.27 -10.74
CA ILE A 277 -8.00 20.22 -10.64
C ILE A 277 -7.50 21.61 -10.98
N ALA A 278 -6.27 21.95 -10.52
CA ALA A 278 -5.70 23.27 -10.78
C ALA A 278 -5.27 23.50 -12.21
N GLY A 279 -5.23 22.46 -13.00
CA GLY A 279 -4.79 22.61 -14.41
C GLY A 279 -3.27 22.54 -14.62
N GLU A 280 -2.55 21.99 -13.69
CA GLU A 280 -1.09 21.82 -13.74
C GLU A 280 -0.72 20.46 -14.29
N GLU A 281 0.37 20.40 -15.06
CA GLU A 281 0.81 19.14 -15.64
C GLU A 281 1.08 18.10 -14.61
N THR A 282 0.67 16.88 -14.85
CA THR A 282 0.96 15.69 -14.05
C THR A 282 1.33 14.54 -14.95
N PRO A 283 2.22 13.66 -14.48
CA PRO A 283 2.77 12.63 -15.33
C PRO A 283 1.80 11.50 -15.55
N ALA A 284 2.01 10.68 -16.54
CA ALA A 284 1.22 9.50 -16.80
C ALA A 284 1.38 8.42 -15.72
N SER A 285 2.57 8.37 -15.13
CA SER A 285 2.91 7.33 -14.19
CA SER A 285 2.84 7.38 -14.14
C SER A 285 3.81 7.91 -13.10
N TYR A 286 3.76 7.28 -11.95
CA TYR A 286 4.67 7.62 -10.88
C TYR A 286 4.88 6.39 -9.97
N GLU A 287 6.14 6.20 -9.57
CA GLU A 287 6.52 5.05 -8.76
C GLU A 287 7.11 5.50 -7.43
N PHE A 288 6.65 4.91 -6.30
CA PHE A 288 7.19 5.21 -5.02
C PHE A 288 8.40 4.32 -4.74
N ARG A 289 9.33 4.84 -3.98
N ARG A 289 9.34 4.84 -3.97
CA ARG A 289 10.56 4.08 -3.56
CA ARG A 289 10.61 4.16 -3.52
C ARG A 289 10.46 3.60 -2.13
C ARG A 289 10.45 3.60 -2.14
N ALA A 290 10.95 2.40 -1.90
CA ALA A 290 10.84 1.81 -0.53
C ALA A 290 12.15 1.81 0.17
N ALA A 291 12.11 1.61 1.47
CA ALA A 291 13.23 1.41 2.32
C ALA A 291 13.16 0.01 2.93
N SER A 292 14.35 -0.55 3.19
CA SER A 292 14.41 -1.85 3.81
C SER A 292 14.71 -1.62 5.31
N ILE A 293 13.83 -2.17 6.14
CA ILE A 293 13.84 -1.91 7.56
C ILE A 293 14.24 -3.21 8.28
N PRO A 294 15.44 -3.28 8.79
CA PRO A 294 15.93 -4.54 9.50
C PRO A 294 15.51 -4.57 10.96
N GLN A 295 15.18 -5.75 11.44
CA GLN A 295 14.79 -5.96 12.82
C GLN A 295 15.80 -5.41 13.79
N ALA A 296 17.08 -5.59 13.50
CA ALA A 296 18.11 -5.17 14.51
C ALA A 296 18.03 -3.65 14.79
N LEU A 297 17.71 -2.88 13.76
CA LEU A 297 17.52 -1.45 13.95
C LEU A 297 16.46 -1.12 15.03
N LEU A 298 15.34 -1.76 14.89
CA LEU A 298 14.27 -1.57 15.81
C LEU A 298 14.58 -2.07 17.20
N VAL A 299 15.21 -3.23 17.29
CA VAL A 299 15.58 -3.81 18.61
C VAL A 299 16.53 -2.90 19.38
N SER A 300 17.38 -2.15 18.61
CA SER A 300 18.33 -1.22 19.27
CA SER A 300 18.35 -1.17 19.21
C SER A 300 17.74 0.10 19.82
N GLN A 301 16.45 0.36 19.55
CA GLN A 301 15.88 1.61 20.05
C GLN A 301 15.55 1.42 21.53
N PRO A 302 15.47 2.50 22.26
CA PRO A 302 15.17 2.43 23.71
C PRO A 302 13.69 2.26 24.11
N GLY A 303 12.80 2.40 23.17
CA GLY A 303 11.41 2.09 23.43
C GLY A 303 10.70 1.96 22.11
N PRO A 304 9.36 1.85 22.19
CA PRO A 304 8.60 1.63 21.00
C PRO A 304 8.84 2.76 19.96
N VAL A 305 8.78 2.39 18.67
CA VAL A 305 8.86 3.34 17.59
C VAL A 305 7.60 3.14 16.70
N ASN A 306 6.92 4.23 16.35
CA ASN A 306 5.84 4.18 15.37
C ASN A 306 6.35 4.55 13.99
N VAL A 307 5.51 4.36 13.01
CA VAL A 307 5.93 4.65 11.60
C VAL A 307 6.36 6.07 11.46
N SER A 308 5.69 7.05 12.04
CA SER A 308 6.06 8.47 11.93
C SER A 308 7.49 8.67 12.49
N GLY A 309 7.80 7.96 13.54
CA GLY A 309 9.08 8.01 14.18
C GLY A 309 10.26 7.43 13.43
N LEU A 310 9.98 6.66 12.44
CA LEU A 310 11.03 6.00 11.65
C LEU A 310 11.96 7.05 10.98
N SER A 311 11.44 8.25 10.71
CA SER A 311 12.26 9.24 10.09
C SER A 311 13.48 9.59 10.92
N LYS A 312 13.45 9.37 12.20
CA LYS A 312 14.54 9.69 13.03
C LYS A 312 15.60 8.72 12.92
N ILE A 313 15.35 7.54 12.41
CA ILE A 313 16.38 6.49 12.31
C ILE A 313 16.60 5.94 10.94
N ILE A 314 15.78 6.38 9.98
CA ILE A 314 15.89 6.03 8.58
C ILE A 314 15.84 7.34 7.81
N PRO A 315 17.00 7.85 7.43
CA PRO A 315 17.07 9.14 6.72
C PRO A 315 16.14 9.16 5.55
N GLY A 316 15.26 10.17 5.53
CA GLY A 316 14.35 10.44 4.53
C GLY A 316 13.04 9.61 4.46
N TRP A 317 12.82 8.79 5.46
CA TRP A 317 11.63 7.96 5.51
C TRP A 317 10.37 8.82 5.46
N GLY A 318 9.47 8.34 4.59
CA GLY A 318 8.11 8.87 4.53
C GLY A 318 7.97 10.31 4.05
N GLN A 319 9.00 10.80 3.42
CA GLN A 319 9.01 12.20 2.96
C GLN A 319 9.31 12.28 1.48
N SER A 320 8.65 13.20 0.80
CA SER A 320 8.98 13.48 -0.59
C SER A 320 8.42 14.87 -0.89
N ASP A 321 9.13 15.59 -1.72
CA ASP A 321 8.72 16.88 -2.25
C ASP A 321 8.00 16.72 -3.56
N ASP A 322 7.86 15.50 -4.09
CA ASP A 322 7.23 15.32 -5.38
C ASP A 322 5.78 15.80 -5.37
N PHE A 323 5.48 16.62 -6.36
CA PHE A 323 4.16 17.20 -6.53
C PHE A 323 3.69 18.19 -5.47
N ASN A 324 4.65 18.73 -4.73
CA ASN A 324 4.36 19.71 -3.69
C ASN A 324 4.36 21.12 -4.26
N SER A 325 3.27 21.56 -4.88
CA SER A 325 3.21 22.85 -5.45
C SER A 325 3.32 23.95 -4.38
N PRO A 326 3.91 25.10 -4.76
CA PRO A 326 4.08 26.13 -3.77
C PRO A 326 2.81 26.71 -3.20
N TRP A 327 1.73 26.68 -3.97
CA TRP A 327 0.42 27.17 -3.49
C TRP A 327 -0.20 26.22 -2.50
N PHE A 328 0.31 25.00 -2.28
CA PHE A 328 -0.21 24.15 -1.18
C PHE A 328 -0.03 24.89 0.14
N ALA A 329 1.13 25.56 0.35
CA ALA A 329 1.33 26.33 1.53
C ALA A 329 0.29 27.43 1.67
N THR A 330 -0.04 28.08 0.58
CA THR A 330 -1.04 29.14 0.62
C THR A 330 -2.36 28.57 1.08
N LEU A 331 -2.76 27.48 0.48
CA LEU A 331 -4.01 26.78 0.87
C LEU A 331 -4.00 26.37 2.28
N ALA A 332 -2.87 25.90 2.80
CA ALA A 332 -2.85 25.47 4.16
C ALA A 332 -3.10 26.64 5.11
N ALA A 333 -2.54 27.83 4.77
CA ALA A 333 -2.77 29.02 5.55
C ALA A 333 -4.22 29.44 5.47
N LYS A 334 -4.85 29.36 4.29
CA LYS A 334 -6.16 29.82 4.02
C LYS A 334 -7.18 28.92 4.71
N ASN A 335 -6.72 27.78 5.24
CA ASN A 335 -7.50 26.79 5.98
C ASN A 335 -6.94 26.58 7.39
N GLY A 336 -5.66 26.22 7.53
CA GLY A 336 -4.90 26.01 8.80
C GLY A 336 -3.91 24.81 8.64
#